data_3ADP
#
_entry.id   3ADP
#
_cell.length_a   72.016
_cell.length_b   69.517
_cell.length_c   65.096
_cell.angle_alpha   90.00
_cell.angle_beta   102.70
_cell.angle_gamma   90.00
#
_symmetry.space_group_name_H-M   'C 1 2 1'
#
loop_
_entity.id
_entity.type
_entity.pdbx_description
1 polymer Lambda-crystallin
2 non-polymer '1,4-DIHYDRONICOTINAMIDE ADENINE DINUCLEOTIDE'
3 water water
#
_entity_poly.entity_id   1
_entity_poly.type   'polypeptide(L)'
_entity_poly.pdbx_seq_one_letter_code
;MASPAAGDVLIVGSGLVGRSWAMLFASGGFRVKLYDIEPRQITGALENIRKEMKSLQQSGSLKGSLSAEEQLSLISSCTN
LAEAVEGVVHIQECVPENLDLKRKIFAQLDSIVDDRVVLSSSSSCLLPSKLFTGLAHVKQCIVAHPVNPPYYIPLVELVP
HPETSPATVDRTHALMRKIGQSPVRVLKEIDGFVLNRLQYAIISEAWRLVEEGIVSPSDLDLVMSDGLGMRYAFIGPLET
MHLNAEGMLSYCDRYSEGMKRVLKSFGSIPEFSGATVEKVNQAMCKKVPADPEHLAARREWRDECLKRLAKLKRQMQPQ
;
_entity_poly.pdbx_strand_id   A
#
# COMPACT_ATOMS: atom_id res chain seq x y z
N GLY A 7 -18.86 8.62 12.63
CA GLY A 7 -18.85 7.90 11.36
C GLY A 7 -18.05 8.63 10.28
N ASP A 8 -17.44 9.75 10.70
CA ASP A 8 -16.64 10.54 9.76
C ASP A 8 -15.17 10.09 9.73
N VAL A 9 -14.46 10.43 8.63
CA VAL A 9 -13.04 10.08 8.58
C VAL A 9 -12.14 11.31 8.44
N LEU A 10 -10.99 11.32 9.11
CA LEU A 10 -10.08 12.46 9.00
C LEU A 10 -8.77 12.03 8.36
N ILE A 11 -8.34 12.81 7.37
CA ILE A 11 -7.09 12.54 6.68
C ILE A 11 -6.11 13.63 7.11
N VAL A 12 -5.02 13.24 7.76
CA VAL A 12 -4.01 14.19 8.21
C VAL A 12 -2.88 14.15 7.17
N GLY A 13 -2.82 15.17 6.34
CA GLY A 13 -1.82 15.23 5.29
C GLY A 13 -2.50 14.89 3.97
N SER A 14 -2.92 15.92 3.24
CA SER A 14 -3.62 15.72 1.97
C SER A 14 -2.67 15.69 0.78
N GLY A 15 -1.67 14.81 0.87
CA GLY A 15 -0.70 14.65 -0.20
C GLY A 15 -1.12 13.52 -1.11
N LEU A 16 -0.16 12.88 -1.77
CA LEU A 16 -0.47 11.81 -2.69
C LEU A 16 -1.32 10.68 -2.10
N VAL A 17 -0.87 10.09 -0.99
CA VAL A 17 -1.63 9.00 -0.40
C VAL A 17 -2.90 9.49 0.31
N GLY A 18 -2.84 10.69 0.88
CA GLY A 18 -4.02 11.24 1.54
C GLY A 18 -5.17 11.43 0.56
N ARG A 19 -4.84 11.84 -0.67
CA ARG A 19 -5.85 12.04 -1.69
C ARG A 19 -6.47 10.71 -2.09
N SER A 20 -5.65 9.66 -2.17
CA SER A 20 -6.15 8.35 -2.53
C SER A 20 -7.10 7.86 -1.43
N TRP A 21 -6.68 8.01 -0.17
CA TRP A 21 -7.52 7.59 0.96
C TRP A 21 -8.84 8.34 0.93
N ALA A 22 -8.79 9.64 0.64
CA ALA A 22 -10.00 10.45 0.60
C ALA A 22 -11.00 9.85 -0.39
N MET A 23 -10.52 9.50 -1.58
CA MET A 23 -11.39 8.93 -2.60
C MET A 23 -11.91 7.56 -2.21
N LEU A 24 -11.11 6.78 -1.51
CA LEU A 24 -11.53 5.44 -1.08
C LEU A 24 -12.66 5.56 -0.06
N PHE A 25 -12.44 6.35 0.99
CA PHE A 25 -13.45 6.52 2.02
C PHE A 25 -14.75 7.14 1.50
N ALA A 26 -14.63 8.11 0.61
CA ALA A 26 -15.82 8.73 0.06
C ALA A 26 -16.66 7.73 -0.75
N SER A 27 -15.95 6.79 -1.42
CA SER A 27 -16.69 5.80 -2.19
C SER A 27 -17.53 4.90 -1.28
N GLY A 28 -17.12 4.87 0.00
CA GLY A 28 -17.84 4.07 0.97
C GLY A 28 -18.97 4.86 1.65
N GLY A 29 -19.14 6.12 1.25
CA GLY A 29 -20.20 6.93 1.81
C GLY A 29 -19.82 7.69 3.08
N PHE A 30 -18.54 7.68 3.42
CA PHE A 30 -18.05 8.37 4.61
C PHE A 30 -17.76 9.83 4.35
N ARG A 31 -18.09 10.69 5.31
CA ARG A 31 -17.79 12.10 5.16
C ARG A 31 -16.30 12.16 5.46
N VAL A 32 -15.52 12.78 4.57
CA VAL A 32 -14.09 12.88 4.73
C VAL A 32 -13.60 14.30 4.97
N LYS A 33 -12.79 14.47 6.01
CA LYS A 33 -12.23 15.77 6.34
C LYS A 33 -10.74 15.73 5.99
N LEU A 34 -10.26 16.78 5.31
CA LEU A 34 -8.86 16.88 4.94
C LEU A 34 -8.20 17.94 5.81
N TYR A 35 -7.04 17.61 6.36
CA TYR A 35 -6.29 18.54 7.18
C TYR A 35 -4.84 18.51 6.73
N ASP A 36 -4.23 19.69 6.60
CA ASP A 36 -2.84 19.77 6.18
C ASP A 36 -2.23 21.07 6.72
N ILE A 37 -0.93 21.06 6.96
CA ILE A 37 -0.24 22.23 7.48
C ILE A 37 0.00 23.26 6.38
N GLU A 38 -0.10 22.81 5.13
CA GLU A 38 0.11 23.67 3.98
C GLU A 38 -1.18 23.88 3.19
N PRO A 39 -1.68 25.12 3.18
CA PRO A 39 -2.92 25.46 2.47
C PRO A 39 -2.93 25.03 1.00
N ARG A 40 -1.79 25.16 0.33
CA ARG A 40 -1.69 24.78 -1.08
C ARG A 40 -1.93 23.29 -1.30
N GLN A 41 -1.64 22.48 -0.29
CA GLN A 41 -1.83 21.04 -0.40
C GLN A 41 -3.31 20.69 -0.31
N ILE A 42 -4.07 21.50 0.42
CA ILE A 42 -5.51 21.27 0.56
C ILE A 42 -6.18 21.69 -0.75
N THR A 43 -5.82 22.87 -1.24
CA THR A 43 -6.39 23.36 -2.49
C THR A 43 -6.04 22.41 -3.62
N GLY A 44 -4.78 21.95 -3.65
CA GLY A 44 -4.36 21.03 -4.68
C GLY A 44 -5.09 19.69 -4.58
N ALA A 45 -5.32 19.25 -3.35
CA ALA A 45 -6.01 17.98 -3.13
C ALA A 45 -7.45 18.03 -3.63
N LEU A 46 -8.17 19.08 -3.26
CA LEU A 46 -9.56 19.20 -3.69
C LEU A 46 -9.67 19.26 -5.21
N GLU A 47 -8.72 19.93 -5.84
CA GLU A 47 -8.69 20.07 -7.30
C GLU A 47 -8.41 18.74 -7.99
N ASN A 48 -7.34 18.07 -7.56
CA ASN A 48 -6.95 16.80 -8.14
C ASN A 48 -7.98 15.72 -7.89
N ILE A 49 -8.56 15.71 -6.68
CA ILE A 49 -9.57 14.71 -6.38
C ILE A 49 -10.77 14.89 -7.31
N ARG A 50 -11.19 16.14 -7.50
CA ARG A 50 -12.31 16.40 -8.40
C ARG A 50 -12.01 15.91 -9.80
N LYS A 51 -10.81 16.22 -10.29
CA LYS A 51 -10.41 15.81 -11.63
C LYS A 51 -10.30 14.29 -11.78
N GLU A 52 -9.70 13.64 -10.79
CA GLU A 52 -9.55 12.19 -10.84
C GLU A 52 -10.92 11.52 -10.76
N MET A 53 -11.79 12.06 -9.92
CA MET A 53 -13.13 11.51 -9.76
C MET A 53 -13.88 11.54 -11.08
N LYS A 54 -13.80 12.66 -11.80
CA LYS A 54 -14.47 12.81 -13.08
C LYS A 54 -13.89 11.84 -14.11
N SER A 55 -12.57 11.71 -14.10
CA SER A 55 -11.89 10.81 -15.02
C SER A 55 -12.36 9.37 -14.80
N LEU A 56 -12.39 8.96 -13.54
CA LEU A 56 -12.84 7.61 -13.19
C LEU A 56 -14.29 7.41 -13.63
N GLN A 57 -15.12 8.42 -13.39
CA GLN A 57 -16.53 8.38 -13.77
C GLN A 57 -16.66 8.16 -15.28
N GLN A 58 -15.90 8.93 -16.05
CA GLN A 58 -15.95 8.87 -17.51
C GLN A 58 -15.52 7.49 -18.05
N SER A 59 -14.60 6.83 -17.33
CA SER A 59 -14.14 5.52 -17.78
C SER A 59 -14.89 4.39 -17.09
N GLY A 60 -15.94 4.77 -16.34
CA GLY A 60 -16.72 3.76 -15.62
C GLY A 60 -15.84 2.98 -14.64
N SER A 61 -14.93 3.71 -13.99
CA SER A 61 -14.00 3.09 -13.04
C SER A 61 -14.17 3.58 -11.60
N LEU A 62 -15.32 4.18 -11.29
CA LEU A 62 -15.59 4.65 -9.95
C LEU A 62 -15.96 3.50 -9.04
N LYS A 63 -15.48 3.54 -7.80
CA LYS A 63 -15.79 2.49 -6.83
C LYS A 63 -17.13 2.78 -6.17
N GLY A 64 -17.81 1.72 -5.73
CA GLY A 64 -19.09 1.90 -5.05
C GLY A 64 -20.26 2.23 -5.95
N SER A 65 -21.36 2.61 -5.33
CA SER A 65 -22.59 2.94 -6.05
C SER A 65 -22.97 4.41 -5.97
N LEU A 66 -22.11 5.22 -5.34
CA LEU A 66 -22.37 6.65 -5.22
C LEU A 66 -21.81 7.38 -6.44
N SER A 67 -22.51 8.40 -6.91
CA SER A 67 -22.07 9.17 -8.06
C SER A 67 -20.81 9.93 -7.70
N ALA A 68 -20.04 10.33 -8.71
CA ALA A 68 -18.83 11.09 -8.49
C ALA A 68 -19.20 12.38 -7.77
N GLU A 69 -20.34 12.95 -8.16
CA GLU A 69 -20.81 14.19 -7.56
C GLU A 69 -21.08 14.04 -6.06
N GLU A 70 -21.82 13.00 -5.68
CA GLU A 70 -22.10 12.80 -4.27
C GLU A 70 -20.81 12.51 -3.50
N GLN A 71 -19.94 11.69 -4.08
CA GLN A 71 -18.68 11.37 -3.43
C GLN A 71 -17.86 12.64 -3.17
N LEU A 72 -17.77 13.51 -4.17
CA LEU A 72 -17.02 14.75 -4.00
C LEU A 72 -17.62 15.64 -2.91
N SER A 73 -18.95 15.65 -2.80
CA SER A 73 -19.60 16.49 -1.79
C SER A 73 -19.26 16.02 -0.37
N LEU A 74 -18.85 14.76 -0.23
CA LEU A 74 -18.50 14.19 1.08
C LEU A 74 -17.10 14.59 1.55
N ILE A 75 -16.31 15.15 0.64
CA ILE A 75 -14.94 15.55 0.96
C ILE A 75 -14.79 17.05 1.17
N SER A 76 -14.34 17.44 2.37
CA SER A 76 -14.14 18.85 2.70
C SER A 76 -12.85 19.02 3.48
N SER A 77 -12.51 20.26 3.83
CA SER A 77 -11.28 20.51 4.57
C SER A 77 -11.54 21.22 5.90
N CYS A 78 -10.60 21.05 6.84
CA CYS A 78 -10.68 21.65 8.15
C CYS A 78 -9.35 22.32 8.45
N THR A 79 -9.39 23.48 9.08
CA THR A 79 -8.16 24.21 9.42
C THR A 79 -7.72 23.92 10.84
N ASN A 80 -8.69 23.63 11.71
CA ASN A 80 -8.43 23.34 13.11
C ASN A 80 -8.49 21.84 13.41
N LEU A 81 -7.36 21.28 13.81
CA LEU A 81 -7.27 19.86 14.13
C LEU A 81 -8.23 19.47 15.24
N ALA A 82 -8.26 20.24 16.32
CA ALA A 82 -9.14 19.95 17.43
C ALA A 82 -10.59 19.77 16.96
N GLU A 83 -11.01 20.63 16.03
CA GLU A 83 -12.36 20.55 15.48
C GLU A 83 -12.45 19.43 14.46
N ALA A 84 -11.35 19.19 13.75
CA ALA A 84 -11.29 18.16 12.73
C ALA A 84 -11.55 16.74 13.25
N VAL A 85 -11.16 16.48 14.50
CA VAL A 85 -11.34 15.16 15.08
C VAL A 85 -12.75 14.92 15.62
N GLU A 86 -13.56 15.98 15.61
CA GLU A 86 -14.92 15.90 16.11
C GLU A 86 -15.76 14.88 15.35
N GLY A 87 -16.36 13.93 16.07
CA GLY A 87 -17.21 12.92 15.47
C GLY A 87 -16.54 11.99 14.47
N VAL A 88 -15.22 11.88 14.56
CA VAL A 88 -14.46 11.02 13.67
C VAL A 88 -14.20 9.65 14.30
N VAL A 89 -14.34 8.58 13.52
CA VAL A 89 -14.10 7.24 14.03
C VAL A 89 -12.78 6.65 13.52
N HIS A 90 -12.19 7.28 12.52
CA HIS A 90 -10.93 6.81 11.97
C HIS A 90 -10.10 7.99 11.46
N ILE A 91 -8.85 8.05 11.90
CA ILE A 91 -7.93 9.11 11.48
C ILE A 91 -6.78 8.41 10.76
N GLN A 92 -6.60 8.74 9.49
CA GLN A 92 -5.52 8.13 8.71
C GLN A 92 -4.43 9.18 8.52
N GLU A 93 -3.28 8.94 9.15
CA GLU A 93 -2.15 9.86 9.04
C GLU A 93 -1.43 9.61 7.73
N CYS A 94 -1.18 10.69 6.98
CA CYS A 94 -0.54 10.60 5.68
C CYS A 94 0.54 11.65 5.47
N VAL A 95 1.37 11.87 6.49
CA VAL A 95 2.45 12.85 6.36
C VAL A 95 3.71 12.11 5.88
N PRO A 96 4.77 12.86 5.51
CA PRO A 96 5.99 12.22 5.03
C PRO A 96 6.54 11.10 5.91
N GLU A 97 7.27 10.17 5.29
CA GLU A 97 7.87 9.02 5.96
C GLU A 97 9.07 9.48 6.80
N ASN A 98 8.77 10.12 7.92
CA ASN A 98 9.80 10.64 8.82
C ASN A 98 9.34 10.33 10.24
N LEU A 99 10.11 9.51 10.95
CA LEU A 99 9.76 9.11 12.31
C LEU A 99 9.50 10.26 13.29
N ASP A 100 10.41 11.24 13.34
CA ASP A 100 10.21 12.35 14.27
C ASP A 100 8.88 13.04 14.01
N LEU A 101 8.58 13.28 12.73
CA LEU A 101 7.35 13.95 12.36
C LEU A 101 6.10 13.14 12.70
N LYS A 102 6.09 11.86 12.35
CA LYS A 102 4.91 11.04 12.66
C LYS A 102 4.69 10.98 14.17
N ARG A 103 5.76 10.86 14.94
CA ARG A 103 5.63 10.80 16.38
C ARG A 103 4.97 12.09 16.89
N LYS A 104 5.39 13.22 16.34
CA LYS A 104 4.80 14.48 16.75
C LYS A 104 3.32 14.53 16.41
N ILE A 105 2.96 14.04 15.23
CA ILE A 105 1.56 14.03 14.81
C ILE A 105 0.69 13.20 15.74
N PHE A 106 1.15 11.99 16.07
CA PHE A 106 0.37 11.14 16.95
C PHE A 106 0.31 11.67 18.38
N ALA A 107 1.36 12.37 18.81
CA ALA A 107 1.34 12.94 20.16
C ALA A 107 0.32 14.07 20.18
N GLN A 108 0.23 14.82 19.08
CA GLN A 108 -0.73 15.92 19.01
C GLN A 108 -2.15 15.37 19.00
N LEU A 109 -2.36 14.26 18.29
CA LEU A 109 -3.67 13.65 18.22
C LEU A 109 -4.03 13.01 19.56
N ASP A 110 -3.04 12.39 20.19
CA ASP A 110 -3.21 11.72 21.47
C ASP A 110 -3.82 12.61 22.55
N SER A 111 -3.55 13.91 22.48
CA SER A 111 -4.07 14.83 23.49
C SER A 111 -5.46 15.36 23.23
N ILE A 112 -6.02 15.09 22.06
CA ILE A 112 -7.35 15.60 21.73
C ILE A 112 -8.42 14.58 21.35
N VAL A 113 -8.04 13.33 21.14
CA VAL A 113 -9.02 12.33 20.76
C VAL A 113 -9.65 11.58 21.93
N ASP A 114 -10.77 10.91 21.65
CA ASP A 114 -11.48 10.12 22.65
C ASP A 114 -10.93 8.69 22.60
N ASP A 115 -11.62 7.77 23.26
CA ASP A 115 -11.19 6.38 23.30
C ASP A 115 -11.80 5.50 22.19
N ARG A 116 -12.61 6.11 21.34
CA ARG A 116 -13.26 5.36 20.26
C ARG A 116 -12.46 5.38 18.95
N VAL A 117 -12.05 6.58 18.54
CA VAL A 117 -11.33 6.77 17.30
C VAL A 117 -10.06 5.93 17.11
N VAL A 118 -9.88 5.42 15.89
CA VAL A 118 -8.69 4.64 15.57
C VAL A 118 -7.67 5.61 14.97
N LEU A 119 -6.45 5.56 15.47
CA LEU A 119 -5.35 6.40 14.99
C LEU A 119 -4.51 5.49 14.08
N SER A 120 -4.64 5.69 12.78
CA SER A 120 -3.97 4.85 11.80
C SER A 120 -2.90 5.56 10.95
N SER A 121 -1.73 4.95 10.84
CA SER A 121 -0.62 5.50 10.05
C SER A 121 -0.47 4.79 8.72
N SER A 122 -0.17 5.58 7.67
CA SER A 122 0.02 5.00 6.33
C SER A 122 1.47 4.56 6.11
N SER A 123 2.31 4.77 7.15
CA SER A 123 3.75 4.48 7.05
C SER A 123 4.10 3.24 6.22
N SER A 124 5.08 3.42 5.34
CA SER A 124 5.55 2.35 4.47
C SER A 124 6.51 1.38 5.15
N CYS A 125 7.23 1.83 6.18
CA CYS A 125 8.18 0.93 6.84
C CYS A 125 8.36 1.14 8.34
N LEU A 126 7.97 2.29 8.87
CA LEU A 126 8.14 2.55 10.30
C LEU A 126 7.33 1.58 11.16
N LEU A 127 7.95 1.04 12.20
CA LEU A 127 7.29 0.09 13.08
C LEU A 127 6.37 0.74 14.12
N PRO A 128 5.24 0.09 14.41
CA PRO A 128 4.27 0.59 15.39
C PRO A 128 4.92 0.88 16.74
N SER A 129 5.89 0.04 17.13
CA SER A 129 6.56 0.23 18.42
C SER A 129 7.31 1.56 18.47
N LYS A 130 7.85 1.99 17.32
CA LYS A 130 8.58 3.26 17.27
C LYS A 130 7.63 4.45 17.11
N LEU A 131 6.46 4.18 16.55
CA LEU A 131 5.48 5.24 16.30
C LEU A 131 4.54 5.58 17.44
N PHE A 132 4.03 4.55 18.14
CA PHE A 132 3.03 4.75 19.16
C PHE A 132 3.36 4.54 20.64
N THR A 133 4.51 3.98 20.95
CA THR A 133 4.83 3.73 22.36
C THR A 133 4.82 5.01 23.18
N GLY A 134 4.20 4.94 24.36
CA GLY A 134 4.16 6.10 25.23
C GLY A 134 2.87 6.91 25.10
N LEU A 135 2.08 6.61 24.08
CA LEU A 135 0.82 7.32 23.86
C LEU A 135 -0.28 6.82 24.77
N ALA A 136 -1.10 7.75 25.27
CA ALA A 136 -2.20 7.37 26.15
C ALA A 136 -3.18 6.47 25.41
N HIS A 137 -3.43 6.80 24.15
CA HIS A 137 -4.37 6.05 23.31
C HIS A 137 -3.69 4.97 22.45
N VAL A 138 -2.61 4.39 22.94
CA VAL A 138 -1.89 3.37 22.19
C VAL A 138 -2.76 2.17 21.78
N LYS A 139 -3.77 1.84 22.58
CA LYS A 139 -4.64 0.71 22.27
C LYS A 139 -5.41 0.95 20.98
N GLN A 140 -5.55 2.21 20.61
CA GLN A 140 -6.28 2.61 19.41
C GLN A 140 -5.38 2.88 18.21
N CYS A 141 -4.08 2.62 18.36
CA CYS A 141 -3.14 2.87 17.28
C CYS A 141 -2.85 1.66 16.41
N ILE A 142 -2.58 1.92 15.13
CA ILE A 142 -2.30 0.85 14.19
C ILE A 142 -1.71 1.44 12.92
N VAL A 143 -0.99 0.61 12.17
CA VAL A 143 -0.44 1.05 10.90
C VAL A 143 -1.36 0.40 9.89
N ALA A 144 -1.86 1.18 8.94
CA ALA A 144 -2.72 0.67 7.88
C ALA A 144 -2.00 1.11 6.62
N HIS A 145 -1.06 0.27 6.18
CA HIS A 145 -0.23 0.57 5.02
C HIS A 145 -0.83 0.14 3.68
N PRO A 146 -1.19 1.12 2.83
CA PRO A 146 -1.76 0.85 1.51
C PRO A 146 -0.64 0.62 0.50
N VAL A 147 -1.01 0.30 -0.74
CA VAL A 147 -0.03 0.05 -1.79
C VAL A 147 -0.31 0.97 -2.97
N ASN A 148 0.69 1.73 -3.38
CA ASN A 148 0.51 2.64 -4.50
C ASN A 148 0.37 1.90 -5.83
N PRO A 149 -0.66 2.23 -6.62
CA PRO A 149 -1.71 3.24 -6.36
C PRO A 149 -2.87 2.57 -5.60
N PRO A 150 -3.18 3.08 -4.40
CA PRO A 150 -4.26 2.53 -3.56
C PRO A 150 -5.64 2.37 -4.19
N TYR A 151 -6.00 3.22 -5.13
CA TYR A 151 -7.31 3.11 -5.74
C TYR A 151 -7.42 1.86 -6.62
N TYR A 152 -6.29 1.36 -7.11
CA TYR A 152 -6.30 0.16 -7.95
C TYR A 152 -5.82 -1.10 -7.25
N ILE A 153 -4.84 -0.97 -6.35
CA ILE A 153 -4.32 -2.10 -5.61
C ILE A 153 -4.99 -2.07 -4.23
N PRO A 154 -5.87 -3.05 -3.95
CA PRO A 154 -6.60 -3.14 -2.68
C PRO A 154 -5.90 -3.51 -1.39
N LEU A 155 -4.74 -4.14 -1.46
CA LEU A 155 -4.04 -4.54 -0.23
C LEU A 155 -3.77 -3.43 0.77
N VAL A 156 -4.06 -3.71 2.03
CA VAL A 156 -3.81 -2.79 3.12
C VAL A 156 -3.23 -3.64 4.25
N GLU A 157 -1.97 -3.40 4.58
CA GLU A 157 -1.32 -4.15 5.65
C GLU A 157 -1.63 -3.53 7.00
N LEU A 158 -2.33 -4.28 7.84
CA LEU A 158 -2.66 -3.81 9.18
C LEU A 158 -1.59 -4.33 10.11
N VAL A 159 -0.76 -3.42 10.60
CA VAL A 159 0.32 -3.78 11.51
C VAL A 159 0.05 -3.13 12.86
N PRO A 160 -0.16 -3.95 13.89
CA PRO A 160 -0.44 -3.48 15.25
C PRO A 160 0.77 -3.22 16.14
N HIS A 161 0.53 -2.44 17.19
CA HIS A 161 1.54 -2.18 18.20
C HIS A 161 1.27 -3.32 19.18
N PRO A 162 2.27 -3.73 19.96
CA PRO A 162 2.02 -4.84 20.91
C PRO A 162 0.83 -4.59 21.84
N GLU A 163 0.49 -3.32 22.06
CA GLU A 163 -0.62 -2.97 22.94
C GLU A 163 -1.91 -2.64 22.19
N THR A 164 -1.87 -2.70 20.87
CA THR A 164 -3.06 -2.42 20.07
C THR A 164 -4.14 -3.45 20.45
N SER A 165 -5.34 -2.99 20.73
CA SER A 165 -6.43 -3.89 21.13
C SER A 165 -7.01 -4.66 19.96
N PRO A 166 -7.58 -5.85 20.23
CA PRO A 166 -8.16 -6.64 19.14
C PRO A 166 -9.27 -5.84 18.46
N ALA A 167 -10.03 -5.10 19.26
CA ALA A 167 -11.12 -4.28 18.74
C ALA A 167 -10.61 -3.31 17.68
N THR A 168 -9.48 -2.67 17.96
CA THR A 168 -8.92 -1.72 17.01
C THR A 168 -8.58 -2.40 15.69
N VAL A 169 -7.98 -3.58 15.77
CA VAL A 169 -7.63 -4.32 14.57
C VAL A 169 -8.89 -4.78 13.84
N ASP A 170 -9.84 -5.35 14.58
CA ASP A 170 -11.08 -5.83 13.97
C ASP A 170 -11.86 -4.70 13.29
N ARG A 171 -11.98 -3.57 13.99
CA ARG A 171 -12.71 -2.43 13.43
C ARG A 171 -12.06 -1.91 12.15
N THR A 172 -10.73 -1.86 12.14
CA THR A 172 -10.02 -1.35 10.98
C THR A 172 -10.12 -2.32 9.81
N HIS A 173 -10.09 -3.62 10.12
CA HIS A 173 -10.20 -4.65 9.10
C HIS A 173 -11.57 -4.52 8.45
N ALA A 174 -12.60 -4.38 9.27
CA ALA A 174 -13.97 -4.23 8.77
C ALA A 174 -14.13 -2.95 7.96
N LEU A 175 -13.52 -1.85 8.42
CA LEU A 175 -13.63 -0.58 7.71
C LEU A 175 -12.95 -0.65 6.35
N MET A 176 -11.76 -1.24 6.31
CA MET A 176 -11.02 -1.37 5.06
C MET A 176 -11.82 -2.22 4.07
N ARG A 177 -12.47 -3.26 4.59
CA ARG A 177 -13.28 -4.14 3.74
C ARG A 177 -14.50 -3.37 3.24
N LYS A 178 -15.04 -2.49 4.08
CA LYS A 178 -16.21 -1.71 3.73
C LYS A 178 -15.95 -0.76 2.57
N ILE A 179 -14.74 -0.21 2.49
CA ILE A 179 -14.42 0.71 1.40
C ILE A 179 -13.85 0.00 0.18
N GLY A 180 -13.95 -1.33 0.15
CA GLY A 180 -13.46 -2.09 -0.99
C GLY A 180 -12.01 -2.53 -0.99
N GLN A 181 -11.29 -2.30 0.10
CA GLN A 181 -9.88 -2.71 0.15
C GLN A 181 -9.73 -4.14 0.67
N SER A 182 -8.52 -4.66 0.60
CA SER A 182 -8.23 -6.02 1.05
C SER A 182 -7.24 -6.00 2.20
N PRO A 183 -7.73 -5.81 3.43
CA PRO A 183 -6.83 -5.79 4.58
C PRO A 183 -6.32 -7.17 4.96
N VAL A 184 -5.13 -7.21 5.54
CA VAL A 184 -4.54 -8.46 6.01
C VAL A 184 -4.04 -8.15 7.42
N ARG A 185 -4.05 -9.16 8.28
CA ARG A 185 -3.60 -8.98 9.65
C ARG A 185 -2.16 -9.41 9.85
N VAL A 186 -1.25 -8.44 9.94
CA VAL A 186 0.14 -8.77 10.20
C VAL A 186 0.10 -8.92 11.73
N LEU A 187 0.16 -10.16 12.19
CA LEU A 187 0.07 -10.48 13.61
C LEU A 187 1.08 -9.86 14.55
N LYS A 188 2.31 -9.71 14.08
CA LYS A 188 3.38 -9.11 14.88
C LYS A 188 4.19 -8.22 13.95
N GLU A 189 4.56 -7.03 14.43
CA GLU A 189 5.33 -6.13 13.60
C GLU A 189 6.66 -6.75 13.20
N ILE A 190 7.14 -6.38 12.02
CA ILE A 190 8.41 -6.87 11.53
C ILE A 190 8.92 -5.91 10.45
N ASP A 191 10.23 -5.76 10.39
CA ASP A 191 10.88 -4.88 9.43
C ASP A 191 10.48 -5.28 8.00
N GLY A 192 9.85 -4.35 7.28
CA GLY A 192 9.42 -4.61 5.92
C GLY A 192 8.02 -5.22 5.86
N PHE A 193 7.38 -5.36 7.01
CA PHE A 193 6.05 -5.96 7.11
C PHE A 193 6.04 -7.26 6.30
N VAL A 194 5.06 -7.43 5.41
CA VAL A 194 5.03 -8.65 4.60
C VAL A 194 5.36 -8.41 3.14
N LEU A 195 4.68 -7.46 2.51
CA LEU A 195 4.91 -7.17 1.10
C LEU A 195 6.37 -6.88 0.76
N ASN A 196 7.01 -5.97 1.48
CA ASN A 196 8.40 -5.67 1.16
C ASN A 196 9.36 -6.81 1.44
N ARG A 197 9.05 -7.66 2.41
CA ARG A 197 9.92 -8.78 2.69
C ARG A 197 9.83 -9.73 1.49
N LEU A 198 8.64 -9.92 0.95
CA LEU A 198 8.48 -10.79 -0.20
C LEU A 198 9.15 -10.13 -1.41
N GLN A 199 8.90 -8.84 -1.58
CA GLN A 199 9.51 -8.14 -2.71
C GLN A 199 11.04 -8.21 -2.68
N TYR A 200 11.63 -7.95 -1.52
CA TYR A 200 13.09 -7.98 -1.40
C TYR A 200 13.63 -9.38 -1.62
N ALA A 201 12.86 -10.39 -1.23
CA ALA A 201 13.28 -11.78 -1.42
C ALA A 201 13.49 -12.02 -2.91
N ILE A 202 12.53 -11.56 -3.71
CA ILE A 202 12.59 -11.70 -5.16
C ILE A 202 13.74 -10.90 -5.74
N ILE A 203 13.83 -9.63 -5.37
CA ILE A 203 14.89 -8.75 -5.86
C ILE A 203 16.30 -9.31 -5.59
N SER A 204 16.50 -9.88 -4.40
CA SER A 204 17.80 -10.43 -4.03
C SER A 204 18.25 -11.53 -5.00
N GLU A 205 17.38 -12.49 -5.28
CA GLU A 205 17.72 -13.58 -6.19
C GLU A 205 17.83 -13.06 -7.62
N ALA A 206 16.92 -12.18 -8.02
CA ALA A 206 16.97 -11.63 -9.37
C ALA A 206 18.30 -10.92 -9.61
N TRP A 207 18.74 -10.16 -8.61
CA TRP A 207 19.99 -9.41 -8.69
C TRP A 207 21.18 -10.33 -8.94
N ARG A 208 21.25 -11.44 -8.21
CA ARG A 208 22.33 -12.39 -8.36
C ARG A 208 22.27 -13.10 -9.72
N LEU A 209 21.06 -13.36 -10.22
CA LEU A 209 20.92 -14.03 -11.52
C LEU A 209 21.48 -13.14 -12.63
N VAL A 210 21.27 -11.84 -12.52
CA VAL A 210 21.78 -10.90 -13.51
C VAL A 210 23.30 -10.77 -13.34
N GLU A 211 23.73 -10.66 -12.10
CA GLU A 211 25.15 -10.54 -11.80
C GLU A 211 25.96 -11.74 -12.30
N GLU A 212 25.38 -12.94 -12.17
CA GLU A 212 26.07 -14.15 -12.59
C GLU A 212 25.92 -14.47 -14.09
N GLY A 213 25.25 -13.59 -14.82
CA GLY A 213 25.08 -13.79 -16.25
C GLY A 213 24.13 -14.91 -16.65
N ILE A 214 23.15 -15.20 -15.79
CA ILE A 214 22.17 -16.23 -16.10
C ILE A 214 21.13 -15.70 -17.08
N VAL A 215 20.78 -14.42 -16.93
CA VAL A 215 19.79 -13.81 -17.79
C VAL A 215 19.95 -12.29 -17.77
N SER A 216 19.55 -11.64 -18.86
CA SER A 216 19.66 -10.19 -18.94
C SER A 216 18.59 -9.58 -18.03
N PRO A 217 18.78 -8.32 -17.62
CA PRO A 217 17.80 -7.66 -16.75
C PRO A 217 16.40 -7.63 -17.37
N SER A 218 16.34 -7.30 -18.66
CA SER A 218 15.07 -7.23 -19.38
C SER A 218 14.40 -8.59 -19.46
N ASP A 219 15.17 -9.64 -19.72
CA ASP A 219 14.59 -10.97 -19.82
C ASP A 219 14.15 -11.45 -18.44
N LEU A 220 14.87 -11.09 -17.39
CA LEU A 220 14.47 -11.52 -16.06
C LEU A 220 13.10 -10.92 -15.76
N ASP A 221 12.92 -9.64 -16.09
CA ASP A 221 11.64 -9.00 -15.85
C ASP A 221 10.52 -9.71 -16.61
N LEU A 222 10.80 -10.17 -17.81
CA LEU A 222 9.81 -10.87 -18.62
C LEU A 222 9.39 -12.20 -17.99
N VAL A 223 10.34 -12.87 -17.34
CA VAL A 223 10.04 -14.14 -16.68
C VAL A 223 8.92 -13.91 -15.68
N MET A 224 8.89 -12.72 -15.10
CA MET A 224 7.86 -12.37 -14.14
C MET A 224 6.59 -11.85 -14.81
N SER A 225 6.70 -10.76 -15.56
CA SER A 225 5.54 -10.13 -16.19
C SER A 225 4.78 -11.02 -17.19
N ASP A 226 5.52 -11.85 -17.96
CA ASP A 226 4.84 -12.72 -18.91
C ASP A 226 4.84 -14.16 -18.42
N GLY A 227 5.14 -14.35 -17.11
CA GLY A 227 5.21 -15.71 -16.60
C GLY A 227 4.63 -15.84 -15.18
N LEU A 228 5.53 -15.95 -14.21
CA LEU A 228 5.15 -16.13 -12.82
C LEU A 228 4.21 -15.06 -12.27
N GLY A 229 4.43 -13.82 -12.69
CA GLY A 229 3.60 -12.71 -12.22
C GLY A 229 2.14 -12.82 -12.60
N MET A 230 1.85 -13.45 -13.73
CA MET A 230 0.48 -13.58 -14.17
C MET A 230 -0.35 -14.40 -13.19
N ARG A 231 0.22 -15.47 -12.66
CA ARG A 231 -0.50 -16.30 -11.70
C ARG A 231 -0.65 -15.54 -10.39
N TYR A 232 0.38 -14.79 -10.00
CA TYR A 232 0.40 -14.10 -8.72
C TYR A 232 -0.61 -12.94 -8.67
N ALA A 233 -1.15 -12.57 -9.84
CA ALA A 233 -2.15 -11.51 -9.85
C ALA A 233 -3.52 -12.00 -9.40
N PHE A 234 -3.65 -13.34 -9.30
CA PHE A 234 -4.92 -13.95 -8.90
C PHE A 234 -4.75 -14.85 -7.68
N ILE A 235 -3.62 -15.54 -7.56
CA ILE A 235 -3.41 -16.49 -6.48
C ILE A 235 -2.02 -16.34 -5.87
N GLY A 236 -1.97 -16.37 -4.54
CA GLY A 236 -0.71 -16.23 -3.83
C GLY A 236 0.27 -17.37 -4.04
N PRO A 237 1.50 -17.25 -3.53
CA PRO A 237 2.51 -18.30 -3.70
C PRO A 237 2.18 -19.64 -3.03
N LEU A 238 1.45 -19.60 -1.93
CA LEU A 238 1.10 -20.84 -1.23
C LEU A 238 -0.02 -21.57 -1.94
N GLU A 239 -1.11 -20.87 -2.27
CA GLU A 239 -2.21 -21.54 -2.97
C GLU A 239 -1.72 -22.00 -4.35
N THR A 240 -0.74 -21.30 -4.90
CA THR A 240 -0.17 -21.66 -6.20
C THR A 240 0.44 -23.06 -6.11
N MET A 241 1.16 -23.33 -5.02
CA MET A 241 1.77 -24.63 -4.80
C MET A 241 0.65 -25.67 -4.67
N HIS A 242 -0.35 -25.31 -3.87
CA HIS A 242 -1.50 -26.16 -3.60
C HIS A 242 -2.18 -26.66 -4.88
N LEU A 243 -2.25 -25.78 -5.88
CA LEU A 243 -2.88 -26.12 -7.15
C LEU A 243 -1.94 -26.75 -8.19
N ASN A 244 -0.64 -26.52 -8.06
CA ASN A 244 0.31 -27.07 -9.03
C ASN A 244 0.70 -28.51 -8.73
N ALA A 245 -0.04 -29.13 -7.83
CA ALA A 245 0.15 -30.52 -7.45
C ALA A 245 -1.23 -30.92 -6.94
N GLU A 246 -1.35 -32.10 -6.33
CA GLU A 246 -2.65 -32.51 -5.82
C GLU A 246 -2.78 -32.05 -4.39
N GLY A 247 -2.55 -30.76 -4.16
CA GLY A 247 -2.63 -30.21 -2.82
C GLY A 247 -1.26 -29.89 -2.27
N MET A 248 -1.22 -29.10 -1.19
CA MET A 248 0.06 -28.71 -0.57
C MET A 248 0.95 -29.88 -0.17
N LEU A 249 0.36 -30.91 0.43
CA LEU A 249 1.15 -32.07 0.86
C LEU A 249 1.83 -32.69 -0.36
N SER A 250 1.05 -32.88 -1.42
CA SER A 250 1.55 -33.46 -2.66
C SER A 250 2.68 -32.62 -3.25
N TYR A 251 2.53 -31.29 -3.22
CA TYR A 251 3.56 -30.40 -3.77
C TYR A 251 4.89 -30.54 -3.01
N CYS A 252 4.78 -30.55 -1.67
CA CYS A 252 5.99 -30.71 -0.87
C CYS A 252 6.64 -32.07 -1.09
N ASP A 253 5.78 -33.12 -1.16
CA ASP A 253 6.31 -34.47 -1.39
C ASP A 253 7.08 -34.53 -2.72
N ARG A 254 6.53 -33.90 -3.75
CA ARG A 254 7.13 -33.92 -5.07
C ARG A 254 8.29 -32.95 -5.30
N TYR A 255 8.19 -31.75 -4.71
CA TYR A 255 9.21 -30.74 -4.96
C TYR A 255 10.02 -30.16 -3.81
N SER A 256 9.80 -30.62 -2.58
CA SER A 256 10.56 -30.07 -1.45
C SER A 256 12.06 -30.32 -1.61
N GLU A 257 12.42 -31.49 -2.12
CA GLU A 257 13.83 -31.80 -2.31
C GLU A 257 14.47 -30.79 -3.25
N GLY A 258 13.82 -30.57 -4.39
CA GLY A 258 14.33 -29.62 -5.36
C GLY A 258 14.37 -28.20 -4.84
N MET A 259 13.37 -27.80 -4.08
CA MET A 259 13.35 -26.44 -3.53
C MET A 259 14.55 -26.23 -2.62
N LYS A 260 14.78 -27.18 -1.71
CA LYS A 260 15.90 -27.07 -0.79
C LYS A 260 17.23 -27.02 -1.53
N ARG A 261 17.34 -27.83 -2.59
CA ARG A 261 18.57 -27.88 -3.38
C ARG A 261 18.84 -26.54 -4.06
N VAL A 262 17.82 -25.99 -4.70
CA VAL A 262 17.97 -24.70 -5.37
C VAL A 262 18.29 -23.61 -4.35
N LEU A 263 17.51 -23.54 -3.28
CA LEU A 263 17.72 -22.53 -2.25
C LEU A 263 19.11 -22.61 -1.64
N LYS A 264 19.64 -23.82 -1.48
CA LYS A 264 20.96 -23.98 -0.90
C LYS A 264 22.03 -23.35 -1.80
N SER A 265 21.75 -23.28 -3.10
CA SER A 265 22.69 -22.72 -4.06
C SER A 265 22.67 -21.20 -4.14
N PHE A 266 21.73 -20.57 -3.44
CA PHE A 266 21.63 -19.10 -3.46
C PHE A 266 22.89 -18.43 -2.93
N GLY A 267 23.33 -17.39 -3.62
CA GLY A 267 24.52 -16.66 -3.22
C GLY A 267 24.28 -15.74 -2.04
N SER A 268 25.21 -14.82 -1.80
CA SER A 268 25.11 -13.89 -0.67
C SER A 268 24.22 -12.69 -0.94
N ILE A 269 23.97 -11.91 0.10
CA ILE A 269 23.15 -10.71 -0.01
C ILE A 269 23.87 -9.69 -0.88
N PRO A 270 23.18 -9.15 -1.89
CA PRO A 270 23.81 -8.20 -2.80
C PRO A 270 24.20 -6.91 -2.08
N GLU A 271 25.19 -6.23 -2.68
CA GLU A 271 25.59 -4.92 -2.22
C GLU A 271 24.77 -3.81 -2.91
N PHE A 272 24.05 -4.22 -3.97
CA PHE A 272 23.21 -3.25 -4.69
C PHE A 272 24.00 -2.01 -5.13
N SER A 273 25.11 -2.24 -5.84
CA SER A 273 25.95 -1.14 -6.30
C SER A 273 26.95 -1.64 -7.33
N GLY A 274 28.03 -0.87 -7.51
CA GLY A 274 29.06 -1.26 -8.45
C GLY A 274 28.60 -1.68 -9.83
N ALA A 275 29.33 -2.62 -10.42
CA ALA A 275 29.05 -3.12 -11.76
C ALA A 275 27.61 -3.54 -12.02
N THR A 276 27.02 -4.31 -11.11
CA THR A 276 25.66 -4.79 -11.31
C THR A 276 24.60 -3.68 -11.32
N VAL A 277 24.74 -2.68 -10.47
CA VAL A 277 23.77 -1.60 -10.47
C VAL A 277 23.87 -0.86 -11.79
N GLU A 278 25.10 -0.72 -12.30
CA GLU A 278 25.33 -0.04 -13.57
C GLU A 278 24.68 -0.85 -14.70
N LYS A 279 24.88 -2.16 -14.67
CA LYS A 279 24.32 -3.05 -15.69
C LYS A 279 22.79 -3.04 -15.67
N VAL A 280 22.21 -3.18 -14.48
CA VAL A 280 20.77 -3.17 -14.36
C VAL A 280 20.19 -1.82 -14.76
N ASN A 281 20.77 -0.74 -14.22
CA ASN A 281 20.29 0.59 -14.56
C ASN A 281 20.33 0.87 -16.06
N GLN A 282 21.40 0.43 -16.71
CA GLN A 282 21.54 0.63 -18.15
C GLN A 282 20.41 -0.06 -18.91
N ALA A 283 20.08 -1.29 -18.52
CA ALA A 283 19.02 -2.02 -19.18
C ALA A 283 17.66 -1.37 -18.90
N MET A 284 17.47 -0.91 -17.67
CA MET A 284 16.21 -0.27 -17.29
C MET A 284 16.02 1.05 -18.04
N CYS A 285 17.09 1.82 -18.18
CA CYS A 285 17.00 3.11 -18.88
C CYS A 285 16.80 2.91 -20.37
N LYS A 286 17.22 1.77 -20.90
CA LYS A 286 17.05 1.49 -22.32
C LYS A 286 15.56 1.28 -22.60
N LYS A 287 14.87 0.66 -21.65
CA LYS A 287 13.45 0.39 -21.76
C LYS A 287 12.66 1.66 -21.42
N VAL A 288 13.07 2.33 -20.35
CA VAL A 288 12.41 3.54 -19.90
C VAL A 288 13.43 4.58 -19.42
N PRO A 289 13.75 5.56 -20.27
CA PRO A 289 14.72 6.61 -19.91
C PRO A 289 14.43 7.18 -18.53
N ALA A 290 15.47 7.36 -17.73
CA ALA A 290 15.31 7.87 -16.37
C ALA A 290 15.13 9.38 -16.29
N ASP A 291 14.13 9.91 -16.99
CA ASP A 291 13.85 11.33 -16.93
C ASP A 291 12.39 11.48 -16.54
N PRO A 292 12.02 12.62 -15.93
CA PRO A 292 10.64 12.87 -15.50
C PRO A 292 9.55 12.48 -16.49
N GLU A 293 9.73 12.87 -17.75
CA GLU A 293 8.75 12.59 -18.80
C GLU A 293 8.52 11.09 -19.06
N HIS A 294 9.58 10.35 -19.32
CA HIS A 294 9.46 8.92 -19.60
C HIS A 294 9.04 8.08 -18.41
N LEU A 295 9.50 8.46 -17.21
CA LEU A 295 9.13 7.72 -16.01
C LEU A 295 7.65 7.92 -15.72
N ALA A 296 7.18 9.16 -15.84
CA ALA A 296 5.78 9.45 -15.60
C ALA A 296 4.90 8.73 -16.61
N ALA A 297 5.33 8.72 -17.86
CA ALA A 297 4.56 8.06 -18.92
C ALA A 297 4.43 6.56 -18.64
N ARG A 298 5.52 5.94 -18.21
CA ARG A 298 5.50 4.51 -17.93
C ARG A 298 4.64 4.20 -16.70
N ARG A 299 4.70 5.09 -15.70
CA ARG A 299 3.90 4.89 -14.49
C ARG A 299 2.42 5.00 -14.85
N GLU A 300 2.12 5.92 -15.76
CA GLU A 300 0.75 6.13 -16.21
C GLU A 300 0.22 4.88 -16.87
N TRP A 301 1.06 4.25 -17.70
CA TRP A 301 0.70 3.03 -18.39
C TRP A 301 0.48 1.94 -17.36
N ARG A 302 1.44 1.81 -16.44
CA ARG A 302 1.37 0.81 -15.38
C ARG A 302 0.06 0.94 -14.60
N ASP A 303 -0.27 2.16 -14.19
CA ASP A 303 -1.48 2.42 -13.43
C ASP A 303 -2.75 2.08 -14.21
N GLU A 304 -2.74 2.33 -15.52
CA GLU A 304 -3.90 2.01 -16.35
C GLU A 304 -4.05 0.49 -16.38
N CYS A 305 -2.92 -0.23 -16.44
CA CYS A 305 -2.96 -1.68 -16.46
C CYS A 305 -3.58 -2.17 -15.15
N LEU A 306 -3.12 -1.61 -14.04
CA LEU A 306 -3.61 -1.99 -12.72
C LEU A 306 -5.10 -1.68 -12.59
N LYS A 307 -5.53 -0.54 -13.13
CA LYS A 307 -6.94 -0.17 -13.07
C LYS A 307 -7.79 -1.24 -13.77
N ARG A 308 -7.36 -1.67 -14.95
CA ARG A 308 -8.11 -2.66 -15.68
C ARG A 308 -8.03 -4.03 -15.01
N LEU A 309 -6.88 -4.34 -14.40
CA LEU A 309 -6.73 -5.62 -13.71
C LEU A 309 -7.65 -5.64 -12.49
N ALA A 310 -7.75 -4.51 -11.79
CA ALA A 310 -8.61 -4.41 -10.62
C ALA A 310 -10.04 -4.74 -11.05
N LYS A 311 -10.47 -4.19 -12.18
CA LYS A 311 -11.79 -4.44 -12.69
C LYS A 311 -11.96 -5.93 -12.99
N LEU A 312 -10.96 -6.50 -13.66
CA LEU A 312 -11.00 -7.92 -14.00
C LEU A 312 -11.12 -8.81 -12.76
N LYS A 313 -10.32 -8.51 -11.74
CA LYS A 313 -10.36 -9.29 -10.50
C LYS A 313 -11.75 -9.23 -9.84
N ARG A 314 -12.34 -8.05 -9.79
CA ARG A 314 -13.67 -7.91 -9.19
C ARG A 314 -14.68 -8.76 -9.95
N GLN A 315 -14.53 -8.80 -11.28
CA GLN A 315 -15.44 -9.58 -12.12
C GLN A 315 -15.30 -11.08 -11.90
N MET A 316 -14.07 -11.52 -11.62
CA MET A 316 -13.81 -12.94 -11.39
C MET A 316 -14.01 -13.35 -9.94
#